data_3DSB
#
_entry.id   3DSB
#
_cell.length_a   41.488
_cell.length_b   66.765
_cell.length_c   133.884
_cell.angle_alpha   90.00
_cell.angle_beta   90.00
_cell.angle_gamma   90.00
#
_symmetry.space_group_name_H-M   'P 21 21 21'
#
loop_
_entity.id
_entity.type
_entity.pdbx_description
1 polymer 'Putative acetyltransferase'
2 non-polymer 'SULFATE ION'
3 non-polymer 'TRIMETHYL GLYCINE'
4 water water
#
_entity_poly.entity_id   1
_entity_poly.type   'polypeptide(L)'
_entity_poly.pdbx_seq_one_letter_code
;SNAEELIEIREAR(MSE)DDLDTIAKFNYNLAKETEGKELD(MSE)DVLTKGVKALLLDERKGKYHVYTVFDKVVAQI
(MSE)YTYEWSDWRNGNFLWIQSVYVDKEYRRKGIFNYLFNYIKNICDKDENIVG(MSE)RLYVEKENINAKATYESLN
(MSE)YECDYN(MSE)YEYEVIHS
;
_entity_poly.pdbx_strand_id   A,B
#
# COMPACT_ATOMS: atom_id res chain seq x y z
N GLU A 5 -29.23 -15.52 -10.14
CA GLU A 5 -29.09 -14.31 -9.26
C GLU A 5 -29.65 -13.06 -9.93
N LEU A 6 -30.20 -12.15 -9.14
CA LEU A 6 -30.71 -10.92 -9.72
C LEU A 6 -29.85 -9.70 -9.35
N ILE A 7 -29.54 -9.59 -8.07
CA ILE A 7 -28.58 -8.59 -7.61
C ILE A 7 -27.46 -9.29 -6.88
N GLU A 8 -26.23 -8.90 -7.22
CA GLU A 8 -25.11 -9.52 -6.53
C GLU A 8 -23.90 -8.64 -6.58
N ILE A 9 -22.99 -8.96 -5.69
CA ILE A 9 -21.64 -8.40 -5.75
C ILE A 9 -20.75 -9.56 -6.19
N ARG A 10 -19.89 -9.30 -7.17
CA ARG A 10 -18.99 -10.32 -7.66
C ARG A 10 -17.66 -9.70 -8.01
N GLU A 11 -16.66 -10.54 -8.10
CA GLU A 11 -15.38 -10.09 -8.62
C GLU A 11 -15.57 -9.60 -10.06
N ALA A 12 -14.82 -8.56 -10.44
CA ALA A 12 -14.87 -8.11 -11.83
C ALA A 12 -14.28 -9.14 -12.78
N ARG A 13 -14.62 -8.98 -14.05
CA ARG A 13 -14.14 -9.79 -15.18
C ARG A 13 -13.58 -8.87 -16.26
N ASP A 15 -14.51 -8.41 -19.27
CA ASP A 15 -15.60 -7.71 -19.94
C ASP A 15 -16.10 -6.44 -19.25
N ASP A 16 -15.76 -6.28 -17.97
CA ASP A 16 -16.15 -5.09 -17.22
C ASP A 16 -15.18 -3.92 -17.43
N LEU A 17 -14.12 -4.13 -18.21
CA LEU A 17 -13.09 -3.09 -18.39
C LEU A 17 -13.67 -1.73 -18.74
N ASP A 18 -14.50 -1.66 -19.78
CA ASP A 18 -14.92 -0.33 -20.23
C ASP A 18 -15.76 0.38 -19.18
N THR A 19 -16.64 -0.36 -18.53
CA THR A 19 -17.50 0.22 -17.50
C THR A 19 -16.68 0.67 -16.28
N ILE A 20 -15.75 -0.16 -15.82
CA ILE A 20 -14.91 0.22 -14.67
C ILE A 20 -14.05 1.45 -14.99
N ALA A 21 -13.52 1.51 -16.21
CA ALA A 21 -12.73 2.66 -16.61
C ALA A 21 -13.66 3.91 -16.62
N LYS A 22 -14.87 3.81 -17.19
CA LYS A 22 -15.76 4.96 -17.20
C LYS A 22 -16.10 5.39 -15.74
N PHE A 23 -16.37 4.42 -14.87
CA PHE A 23 -16.71 4.76 -13.50
C PHE A 23 -15.55 5.49 -12.80
N ASN A 24 -14.32 5.05 -13.10
CA ASN A 24 -13.17 5.70 -12.47
C ASN A 24 -12.91 7.10 -12.99
N TYR A 25 -13.12 7.29 -14.30
CA TYR A 25 -13.06 8.62 -14.89
C TYR A 25 -14.09 9.49 -14.18
N ASN A 26 -15.33 8.99 -14.05
CA ASN A 26 -16.36 9.83 -13.41
C ASN A 26 -16.04 10.13 -11.96
N LEU A 27 -15.52 9.13 -11.25
CA LEU A 27 -15.16 9.30 -9.85
C LEU A 27 -14.13 10.41 -9.63
N ALA A 28 -13.09 10.37 -10.43
CA ALA A 28 -11.95 11.26 -10.23
C ALA A 28 -12.42 12.66 -10.52
N LYS A 29 -13.29 12.81 -11.53
CA LYS A 29 -13.81 14.15 -11.78
C LYS A 29 -14.68 14.62 -10.62
N GLU A 30 -15.62 13.76 -10.19
CA GLU A 30 -16.59 14.21 -9.17
C GLU A 30 -15.99 14.45 -7.77
N THR A 31 -14.97 13.68 -7.37
CA THR A 31 -14.42 13.68 -5.98
C THR A 31 -13.01 14.28 -5.70
N GLU A 32 -12.22 14.45 -6.76
CA GLU A 32 -10.86 15.01 -6.65
C GLU A 32 -10.68 16.13 -7.69
N GLY A 33 -11.75 16.46 -8.40
CA GLY A 33 -11.63 17.46 -9.46
C GLY A 33 -10.61 17.15 -10.57
N LYS A 34 -10.43 15.86 -10.91
CA LYS A 34 -9.46 15.41 -11.97
C LYS A 34 -10.08 15.00 -13.32
N GLU A 35 -9.34 15.17 -14.40
CA GLU A 35 -9.77 14.66 -15.69
C GLU A 35 -8.77 13.62 -16.19
N LEU A 36 -9.03 12.35 -15.88
CA LEU A 36 -8.01 11.36 -16.12
C LEU A 36 -7.76 11.14 -17.60
N ASP A 37 -6.51 10.84 -17.91
CA ASP A 37 -6.11 10.38 -19.26
C ASP A 37 -6.68 8.98 -19.50
N ASP A 39 -6.32 6.85 -21.96
CA ASP A 39 -5.40 5.83 -22.43
C ASP A 39 -4.71 5.19 -21.22
N VAL A 40 -4.20 6.05 -20.33
CA VAL A 40 -3.49 5.56 -19.14
C VAL A 40 -4.41 4.78 -18.21
N LEU A 41 -5.60 5.33 -17.96
CA LEU A 41 -6.55 4.69 -17.05
C LEU A 41 -6.97 3.32 -17.59
N THR A 42 -7.27 3.26 -18.90
CA THR A 42 -7.70 1.97 -19.48
C THR A 42 -6.63 0.91 -19.27
N LYS A 43 -5.37 1.29 -19.52
CA LYS A 43 -4.26 0.37 -19.32
C LYS A 43 -4.14 -0.04 -17.83
N GLY A 44 -4.31 0.94 -16.94
CA GLY A 44 -4.19 0.64 -15.51
C GLY A 44 -5.29 -0.29 -15.03
N VAL A 45 -6.52 -0.08 -15.48
CA VAL A 45 -7.62 -0.96 -15.07
C VAL A 45 -7.40 -2.38 -15.65
N LYS A 46 -7.04 -2.45 -16.93
CA LYS A 46 -6.77 -3.76 -17.55
C LYS A 46 -5.68 -4.51 -16.77
N ALA A 47 -4.61 -3.79 -16.43
CA ALA A 47 -3.49 -4.46 -15.76
C ALA A 47 -3.98 -5.06 -14.44
N LEU A 48 -4.81 -4.31 -13.73
CA LEU A 48 -5.34 -4.81 -12.47
CA LEU A 48 -5.32 -4.82 -12.46
C LEU A 48 -6.27 -6.00 -12.70
N LEU A 49 -7.16 -5.90 -13.70
CA LEU A 49 -8.07 -7.04 -14.00
C LEU A 49 -7.31 -8.32 -14.31
N LEU A 50 -6.13 -8.17 -14.92
CA LEU A 50 -5.34 -9.32 -15.38
C LEU A 50 -4.51 -9.93 -14.27
N ASP A 51 -4.36 -9.23 -13.13
CA ASP A 51 -3.44 -9.68 -12.09
C ASP A 51 -3.99 -9.50 -10.71
N GLU A 52 -4.57 -10.57 -10.19
CA GLU A 52 -5.20 -10.61 -8.87
C GLU A 52 -4.22 -10.27 -7.73
N ARG A 53 -2.92 -10.41 -8.01
CA ARG A 53 -1.92 -10.06 -7.04
C ARG A 53 -1.78 -8.55 -6.86
N LYS A 54 -2.24 -7.76 -7.85
CA LYS A 54 -2.21 -6.29 -7.72
C LYS A 54 -3.36 -5.72 -6.88
N GLY A 55 -4.40 -6.52 -6.59
CA GLY A 55 -5.64 -5.97 -5.99
C GLY A 55 -6.84 -6.57 -6.69
N LYS A 56 -8.02 -6.12 -6.29
CA LYS A 56 -9.27 -6.66 -6.84
C LYS A 56 -10.33 -5.58 -6.99
N TYR A 57 -11.08 -5.62 -8.10
CA TYR A 57 -12.35 -4.93 -8.22
C TYR A 57 -13.46 -5.90 -7.90
N HIS A 58 -14.47 -5.37 -7.21
CA HIS A 58 -15.77 -6.03 -7.11
C HIS A 58 -16.79 -5.07 -7.69
N VAL A 59 -17.81 -5.63 -8.34
CA VAL A 59 -18.85 -4.83 -8.93
C VAL A 59 -20.20 -5.30 -8.39
N TYR A 60 -21.09 -4.30 -8.29
CA TYR A 60 -22.49 -4.52 -7.90
C TYR A 60 -23.32 -4.57 -9.18
N THR A 61 -24.05 -5.68 -9.38
CA THR A 61 -24.80 -5.83 -10.63
C THR A 61 -26.28 -6.02 -10.37
N VAL A 62 -27.07 -5.53 -11.31
CA VAL A 62 -28.53 -5.60 -11.21
C VAL A 62 -29.01 -6.15 -12.55
N PHE A 63 -29.56 -7.36 -12.54
CA PHE A 63 -29.93 -8.05 -13.80
C PHE A 63 -28.79 -7.98 -14.79
N ASP A 64 -27.59 -8.27 -14.25
CA ASP A 64 -26.33 -8.33 -15.01
C ASP A 64 -25.69 -7.01 -15.37
N LYS A 65 -26.38 -5.89 -15.13
CA LYS A 65 -25.83 -4.58 -15.41
C LYS A 65 -24.93 -4.14 -14.27
N VAL A 66 -23.68 -3.81 -14.58
CA VAL A 66 -22.75 -3.30 -13.58
C VAL A 66 -23.14 -1.84 -13.27
N VAL A 67 -23.45 -1.54 -12.01
CA VAL A 67 -23.88 -0.21 -11.62
C VAL A 67 -22.99 0.44 -10.52
N ALA A 68 -22.02 -0.33 -9.99
CA ALA A 68 -21.08 0.24 -9.00
C ALA A 68 -19.86 -0.62 -8.90
N GLN A 69 -18.79 -0.02 -8.37
CA GLN A 69 -17.52 -0.77 -8.18
C GLN A 69 -16.82 -0.35 -6.92
N ILE A 70 -16.02 -1.27 -6.41
CA ILE A 70 -15.10 -0.93 -5.29
C ILE A 70 -13.79 -1.65 -5.57
N TYR A 72 -9.71 -2.54 -4.11
CA TYR A 72 -8.70 -2.51 -3.05
C TYR A 72 -7.40 -3.12 -3.51
N THR A 73 -6.33 -2.67 -2.85
CA THR A 73 -5.01 -3.29 -3.03
C THR A 73 -4.57 -3.86 -1.69
N TYR A 74 -3.39 -4.49 -1.68
CA TYR A 74 -2.87 -5.10 -0.43
C TYR A 74 -1.59 -4.44 0.02
N GLU A 75 -1.40 -4.43 1.34
CA GLU A 75 -0.08 -4.11 1.91
C GLU A 75 0.34 -5.26 2.81
N TRP A 76 1.40 -5.98 2.43
CA TRP A 76 1.87 -7.08 3.29
C TRP A 76 2.55 -6.49 4.53
N SER A 77 2.18 -6.99 5.70
CA SER A 77 2.89 -6.69 6.93
C SER A 77 3.74 -7.89 7.35
N ASP A 78 5.06 -7.72 7.28
CA ASP A 78 5.94 -8.76 7.79
C ASP A 78 5.89 -8.87 9.30
N TRP A 79 5.75 -7.72 9.98
CA TRP A 79 5.64 -7.77 11.45
C TRP A 79 4.44 -8.55 11.96
N ARG A 80 3.33 -8.48 11.21
CA ARG A 80 2.07 -9.09 11.62
C ARG A 80 1.76 -10.39 10.84
N ASN A 81 2.59 -10.74 9.85
CA ASN A 81 2.37 -11.91 9.01
C ASN A 81 0.96 -11.92 8.41
N GLY A 82 0.59 -10.79 7.81
CA GLY A 82 -0.73 -10.71 7.18
C GLY A 82 -0.84 -9.47 6.32
N ASN A 83 -2.00 -9.32 5.66
CA ASN A 83 -2.22 -8.19 4.74
C ASN A 83 -3.12 -7.16 5.36
N PHE A 84 -2.81 -5.88 5.12
CA PHE A 84 -3.84 -4.85 5.22
C PHE A 84 -4.50 -4.76 3.86
N LEU A 85 -5.81 -4.59 3.87
CA LEU A 85 -6.53 -4.30 2.67
CA LEU A 85 -6.52 -4.26 2.64
C LEU A 85 -6.73 -2.78 2.58
N TRP A 86 -6.34 -2.17 1.45
CA TRP A 86 -6.47 -0.70 1.29
C TRP A 86 -7.54 -0.43 0.25
N ILE A 87 -8.65 0.19 0.67
CA ILE A 87 -9.72 0.54 -0.28
C ILE A 87 -9.28 1.78 -1.01
N GLN A 88 -9.24 1.71 -2.34
CA GLN A 88 -8.73 2.80 -3.19
C GLN A 88 -9.81 3.58 -3.91
N SER A 89 -10.98 2.97 -4.10
CA SER A 89 -12.06 3.66 -4.80
C SER A 89 -13.40 2.99 -4.56
N VAL A 90 -14.43 3.82 -4.57
CA VAL A 90 -15.83 3.34 -4.59
C VAL A 90 -16.60 4.29 -5.50
N TYR A 91 -17.45 3.75 -6.38
CA TYR A 91 -18.25 4.63 -7.25
C TYR A 91 -19.59 3.92 -7.52
N VAL A 92 -20.64 4.71 -7.53
CA VAL A 92 -21.99 4.23 -7.81
C VAL A 92 -22.53 5.07 -8.97
N ASP A 93 -22.97 4.41 -10.03
CA ASP A 93 -23.63 5.08 -11.16
C ASP A 93 -24.76 5.97 -10.65
N LYS A 94 -24.82 7.20 -11.19
CA LYS A 94 -25.78 8.18 -10.67
C LYS A 94 -27.23 7.72 -10.68
N GLU A 95 -27.59 6.86 -11.62
CA GLU A 95 -28.99 6.41 -11.73
C GLU A 95 -29.35 5.38 -10.64
N TYR A 96 -28.34 4.98 -9.83
CA TYR A 96 -28.54 3.94 -8.82
C TYR A 96 -28.18 4.41 -7.42
N ARG A 97 -28.03 5.72 -7.23
CA ARG A 97 -27.67 6.28 -5.94
C ARG A 97 -28.86 6.42 -4.99
N ARG A 98 -28.57 6.63 -3.71
CA ARG A 98 -29.59 6.79 -2.65
C ARG A 98 -30.37 5.49 -2.42
N LYS A 99 -29.72 4.35 -2.72
CA LYS A 99 -30.31 3.04 -2.54
C LYS A 99 -29.45 2.12 -1.65
N GLY A 100 -28.41 2.70 -1.03
CA GLY A 100 -27.57 1.98 -0.08
C GLY A 100 -26.41 1.20 -0.68
N ILE A 101 -26.17 1.38 -1.99
CA ILE A 101 -25.13 0.59 -2.68
C ILE A 101 -23.73 0.90 -2.14
N PHE A 102 -23.43 2.17 -1.87
CA PHE A 102 -22.09 2.50 -1.36
C PHE A 102 -21.83 1.65 -0.09
N ASN A 103 -22.79 1.65 0.83
CA ASN A 103 -22.61 0.89 2.05
C ASN A 103 -22.65 -0.64 1.83
N TYR A 104 -23.47 -1.15 0.90
CA TYR A 104 -23.43 -2.60 0.59
C TYR A 104 -22.01 -2.99 0.18
N LEU A 105 -21.38 -2.18 -0.67
CA LEU A 105 -20.02 -2.50 -1.13
C LEU A 105 -19.03 -2.40 -0.01
N PHE A 106 -19.11 -1.32 0.76
CA PHE A 106 -18.14 -1.11 1.83
C PHE A 106 -18.26 -2.23 2.88
N ASN A 107 -19.49 -2.58 3.22
CA ASN A 107 -19.70 -3.64 4.20
C ASN A 107 -19.32 -5.01 3.68
N TYR A 108 -19.45 -5.21 2.36
CA TYR A 108 -18.97 -6.43 1.74
C TYR A 108 -17.46 -6.60 1.94
N ILE A 109 -16.71 -5.54 1.75
CA ILE A 109 -15.26 -5.61 1.95
C ILE A 109 -14.95 -5.77 3.45
N LYS A 110 -15.68 -5.07 4.31
CA LYS A 110 -15.46 -5.26 5.78
C LYS A 110 -15.66 -6.71 6.13
N ASN A 111 -16.68 -7.36 5.56
CA ASN A 111 -16.91 -8.79 5.84
C ASN A 111 -15.77 -9.67 5.35
N ILE A 112 -15.25 -9.38 4.17
CA ILE A 112 -14.07 -10.11 3.68
C ILE A 112 -12.94 -9.99 4.71
N CYS A 113 -12.74 -8.78 5.25
CA CYS A 113 -11.63 -8.56 6.22
C CYS A 113 -11.89 -9.32 7.53
N ASP A 114 -13.13 -9.32 7.99
CA ASP A 114 -13.41 -9.92 9.29
C ASP A 114 -13.35 -11.44 9.18
N LYS A 115 -13.67 -11.99 8.02
CA LYS A 115 -13.71 -13.47 7.87
C LYS A 115 -12.36 -14.09 7.53
N ASP A 116 -11.40 -13.28 7.14
CA ASP A 116 -10.11 -13.83 6.75
C ASP A 116 -9.08 -13.54 7.85
N GLU A 117 -8.67 -14.57 8.57
CA GLU A 117 -7.81 -14.33 9.71
C GLU A 117 -6.42 -13.79 9.30
N ASN A 118 -6.11 -13.84 8.00
CA ASN A 118 -4.83 -13.34 7.50
C ASN A 118 -4.91 -11.90 7.02
N ILE A 119 -6.08 -11.27 7.16
CA ILE A 119 -6.18 -9.82 6.93
C ILE A 119 -6.13 -9.16 8.29
N VAL A 120 -5.16 -8.26 8.45
CA VAL A 120 -4.91 -7.70 9.78
C VAL A 120 -5.50 -6.30 10.00
N GLY A 121 -6.07 -5.73 8.94
CA GLY A 121 -6.65 -4.42 9.06
C GLY A 121 -7.17 -3.97 7.69
N ARG A 123 -7.70 -0.27 5.50
CA ARG A 123 -7.27 1.12 5.54
C ARG A 123 -7.63 1.88 4.29
N LEU A 124 -7.59 3.21 4.35
CA LEU A 124 -7.67 4.01 3.14
C LEU A 124 -6.98 5.33 3.42
N TYR A 125 -6.61 6.04 2.36
CA TYR A 125 -6.16 7.47 2.52
C TYR A 125 -7.08 8.35 1.69
N VAL A 126 -7.30 9.57 2.18
CA VAL A 126 -8.19 10.53 1.52
C VAL A 126 -7.66 11.94 1.66
N GLU A 127 -7.91 12.77 0.65
CA GLU A 127 -7.49 14.17 0.73
C GLU A 127 -8.01 14.83 1.99
N LYS A 128 -7.19 15.68 2.60
CA LYS A 128 -7.61 16.40 3.82
C LYS A 128 -8.78 17.36 3.52
N GLU A 129 -8.87 17.79 2.27
CA GLU A 129 -9.91 18.74 1.85
C GLU A 129 -11.29 18.14 1.71
N ASN A 130 -11.39 16.83 1.73
CA ASN A 130 -12.67 16.20 1.55
C ASN A 130 -13.44 16.36 2.84
N ILE A 131 -14.37 17.32 2.83
CA ILE A 131 -15.11 17.74 4.02
C ILE A 131 -16.10 16.68 4.55
N ASN A 132 -16.46 15.72 3.70
CA ASN A 132 -17.50 14.75 4.02
C ASN A 132 -17.00 13.35 4.38
N ALA A 133 -15.70 13.14 4.15
CA ALA A 133 -15.07 11.82 4.39
C ALA A 133 -15.19 11.37 5.83
N LYS A 134 -14.86 12.25 6.77
CA LYS A 134 -14.85 11.85 8.16
C LYS A 134 -16.19 11.27 8.62
N ALA A 135 -17.28 11.97 8.36
CA ALA A 135 -18.62 11.51 8.76
C ALA A 135 -18.99 10.22 8.05
N THR A 136 -18.71 10.16 6.75
CA THR A 136 -19.01 8.98 5.97
C THR A 136 -18.29 7.75 6.52
N TYR A 137 -16.98 7.87 6.74
CA TYR A 137 -16.25 6.70 7.25
C TYR A 137 -16.58 6.37 8.69
N GLU A 138 -16.76 7.41 9.51
CA GLU A 138 -17.15 7.16 10.90
C GLU A 138 -18.44 6.36 11.03
N SER A 139 -19.38 6.63 10.14
CA SER A 139 -20.63 5.87 10.15
C SER A 139 -20.44 4.40 9.79
N LEU A 140 -19.29 4.11 9.16
CA LEU A 140 -18.92 2.74 8.82
C LEU A 140 -17.89 2.14 9.80
N ASN A 141 -17.71 2.78 10.95
CA ASN A 141 -16.77 2.33 11.97
C ASN A 141 -15.31 2.42 11.52
N TYR A 143 -12.08 5.06 11.34
CA TYR A 143 -11.67 6.26 12.08
C TYR A 143 -10.32 6.72 11.67
N GLU A 144 -10.10 8.02 11.84
CA GLU A 144 -8.85 8.60 11.41
C GLU A 144 -7.65 8.07 12.20
N CYS A 145 -6.57 7.75 11.50
CA CYS A 145 -5.33 7.19 12.06
C CYS A 145 -4.36 8.28 12.47
N ASP A 146 -3.35 7.90 13.25
CA ASP A 146 -2.42 8.86 13.79
C ASP A 146 -1.13 8.86 12.96
N TYR A 147 -1.27 8.95 11.63
CA TYR A 147 -0.09 8.93 10.78
C TYR A 147 -0.10 10.09 9.81
N ASN A 148 1.11 10.49 9.43
CA ASN A 148 1.27 11.40 8.29
C ASN A 148 1.88 10.62 7.14
N TYR A 150 4.33 10.77 3.68
CA TYR A 150 5.38 11.56 3.01
C TYR A 150 5.56 11.01 1.62
N GLU A 151 6.04 11.83 0.68
CA GLU A 151 6.31 11.29 -0.65
C GLU A 151 7.49 11.97 -1.30
N TYR A 152 8.12 11.21 -2.19
CA TYR A 152 9.18 11.74 -3.01
C TYR A 152 8.61 11.93 -4.41
N GLU A 153 8.90 13.08 -5.01
CA GLU A 153 8.39 13.38 -6.34
C GLU A 153 9.27 12.67 -7.36
N VAL A 154 8.78 11.54 -7.86
CA VAL A 154 9.57 10.74 -8.79
C VAL A 154 9.77 11.57 -10.08
N ILE A 155 11.04 11.83 -10.44
CA ILE A 155 11.36 12.65 -11.61
C ILE A 155 11.51 11.68 -12.75
N HIS A 156 10.49 11.68 -13.60
CA HIS A 156 10.33 10.55 -14.44
C HIS A 156 11.18 10.31 -15.65
N GLU B 5 33.13 -7.10 -5.82
CA GLU B 5 32.44 -5.96 -5.13
C GLU B 5 32.77 -6.00 -3.64
N LEU B 6 32.85 -4.81 -3.04
CA LEU B 6 33.17 -4.74 -1.62
C LEU B 6 31.97 -4.26 -0.79
N ILE B 7 31.39 -3.15 -1.21
CA ILE B 7 30.15 -2.68 -0.58
C ILE B 7 29.10 -2.59 -1.67
N GLU B 8 27.89 -3.10 -1.39
CA GLU B 8 26.84 -2.98 -2.37
C GLU B 8 25.51 -3.04 -1.68
N ILE B 9 24.50 -2.63 -2.44
CA ILE B 9 23.13 -2.87 -2.07
C ILE B 9 22.60 -3.90 -3.08
N ARG B 10 21.92 -4.92 -2.56
CA ARG B 10 21.37 -5.96 -3.42
C ARG B 10 20.02 -6.38 -2.89
N GLU B 11 19.24 -7.00 -3.75
CA GLU B 11 18.01 -7.67 -3.33
CA GLU B 11 18.01 -7.60 -3.27
C GLU B 11 18.33 -8.72 -2.27
N ALA B 12 17.44 -8.92 -1.32
CA ALA B 12 17.62 -9.98 -0.35
C ALA B 12 17.56 -11.36 -1.03
N ARG B 13 18.19 -12.31 -0.35
CA ARG B 13 18.13 -13.71 -0.74
CA ARG B 13 18.22 -13.74 -0.71
C ARG B 13 17.42 -14.48 0.37
N ASP B 15 18.35 -16.85 2.20
CA ASP B 15 19.08 -17.12 3.43
C ASP B 15 19.41 -15.88 4.23
N ASP B 16 18.94 -14.71 3.79
CA ASP B 16 18.97 -13.50 4.64
C ASP B 16 17.85 -13.50 5.66
N LEU B 17 16.98 -14.51 5.64
CA LEU B 17 15.80 -14.58 6.52
C LEU B 17 16.07 -14.24 7.95
N ASP B 18 16.98 -14.96 8.58
CA ASP B 18 17.08 -14.77 10.03
C ASP B 18 17.75 -13.39 10.36
N THR B 19 18.64 -12.89 9.50
CA THR B 19 19.24 -11.54 9.72
C THR B 19 18.15 -10.46 9.57
N ILE B 20 17.31 -10.57 8.53
CA ILE B 20 16.23 -9.57 8.33
C ILE B 20 15.19 -9.60 9.44
N ALA B 21 14.87 -10.80 9.94
CA ALA B 21 13.95 -10.91 11.07
C ALA B 21 14.60 -10.25 12.29
N LYS B 22 15.89 -10.52 12.54
CA LYS B 22 16.58 -9.93 13.70
C LYS B 22 16.53 -8.40 13.59
N PHE B 23 16.87 -7.88 12.41
CA PHE B 23 16.86 -6.44 12.24
C PHE B 23 15.46 -5.86 12.48
N ASN B 24 14.42 -6.55 12.02
CA ASN B 24 13.06 -6.05 12.22
C ASN B 24 12.63 -6.08 13.68
N TYR B 25 13.03 -7.12 14.42
CA TYR B 25 12.80 -7.15 15.86
C TYR B 25 13.48 -5.96 16.50
N ASN B 26 14.75 -5.74 16.17
CA ASN B 26 15.50 -4.62 16.80
C ASN B 26 14.85 -3.30 16.43
N LEU B 27 14.40 -3.15 15.19
CA LEU B 27 13.76 -1.89 14.74
C LEU B 27 12.47 -1.60 15.53
N ALA B 28 11.62 -2.61 15.68
CA ALA B 28 10.30 -2.41 16.33
C ALA B 28 10.52 -2.05 17.79
N LYS B 29 11.57 -2.63 18.38
CA LYS B 29 11.92 -2.43 19.81
C LYS B 29 12.48 -1.02 20.01
N GLU B 30 13.46 -0.66 19.18
CA GLU B 30 14.16 0.63 19.28
C GLU B 30 13.19 1.79 19.02
N THR B 31 12.30 1.65 18.04
CA THR B 31 11.44 2.74 17.59
C THR B 31 9.99 2.78 18.11
N GLU B 32 9.36 1.62 18.32
CA GLU B 32 7.92 1.59 18.69
C GLU B 32 7.64 0.95 20.05
N GLY B 33 8.72 0.60 20.75
CA GLY B 33 8.62 -0.04 22.07
C GLY B 33 8.35 -1.53 22.07
N LYS B 34 8.04 -2.08 20.88
CA LYS B 34 7.44 -3.40 20.72
C LYS B 34 8.48 -4.49 20.83
N GLU B 35 8.08 -5.59 21.45
CA GLU B 35 8.82 -6.84 21.32
C GLU B 35 8.00 -7.77 20.45
N LEU B 36 8.34 -7.83 19.16
CA LEU B 36 7.58 -8.66 18.25
C LEU B 36 7.72 -10.14 18.55
N ASP B 37 6.62 -10.85 18.35
CA ASP B 37 6.60 -12.31 18.43
C ASP B 37 7.48 -12.84 17.27
N ASP B 39 8.09 -15.86 16.03
CA ASP B 39 7.50 -16.83 15.12
C ASP B 39 6.67 -16.08 14.07
N VAL B 40 5.85 -15.14 14.52
CA VAL B 40 5.00 -14.37 13.62
C VAL B 40 5.88 -13.56 12.64
N LEU B 41 6.85 -12.85 13.20
CA LEU B 41 7.70 -11.99 12.37
C LEU B 41 8.49 -12.83 11.36
N THR B 42 9.05 -13.94 11.81
CA THR B 42 9.86 -14.73 10.89
C THR B 42 8.99 -15.31 9.76
N LYS B 43 7.81 -15.79 10.10
CA LYS B 43 6.84 -16.18 9.07
C LYS B 43 6.56 -15.04 8.09
N GLY B 44 6.38 -13.84 8.63
CA GLY B 44 6.03 -12.70 7.79
C GLY B 44 7.17 -12.30 6.85
N VAL B 45 8.40 -12.35 7.36
CA VAL B 45 9.53 -12.01 6.53
C VAL B 45 9.68 -13.08 5.44
N LYS B 46 9.56 -14.33 5.85
CA LYS B 46 9.70 -15.45 4.91
C LYS B 46 8.66 -15.32 3.80
N ALA B 47 7.42 -14.99 4.16
CA ALA B 47 6.36 -14.92 3.12
C ALA B 47 6.72 -13.84 2.11
N LEU B 48 7.24 -12.71 2.60
CA LEU B 48 7.62 -11.65 1.66
CA LEU B 48 7.63 -11.65 1.68
C LEU B 48 8.82 -12.08 0.80
N LEU B 49 9.84 -12.72 1.41
CA LEU B 49 10.99 -13.21 0.61
C LEU B 49 10.55 -14.16 -0.49
N LEU B 50 9.54 -14.96 -0.20
CA LEU B 50 9.06 -15.95 -1.19
C LEU B 50 8.09 -15.40 -2.24
N ASP B 51 7.66 -14.14 -2.12
CA ASP B 51 6.68 -13.60 -3.07
C ASP B 51 7.01 -12.16 -3.44
N GLU B 52 7.75 -11.99 -4.54
CA GLU B 52 8.17 -10.68 -5.07
C GLU B 52 6.99 -9.73 -5.34
N ARG B 53 5.78 -10.29 -5.47
CA ARG B 53 4.61 -9.44 -5.71
C ARG B 53 4.16 -8.73 -4.44
N LYS B 54 4.60 -9.24 -3.28
CA LYS B 54 4.26 -8.59 -1.99
C LYS B 54 5.14 -7.37 -1.67
N GLY B 55 6.29 -7.27 -2.32
CA GLY B 55 7.27 -6.19 -2.00
C GLY B 55 8.66 -6.78 -2.08
N LYS B 56 9.63 -5.99 -1.61
CA LYS B 56 11.04 -6.41 -1.72
C LYS B 56 11.84 -5.87 -0.55
N TYR B 57 12.77 -6.69 -0.07
CA TYR B 57 13.85 -6.22 0.79
C TYR B 57 15.08 -5.99 -0.04
N HIS B 58 15.81 -4.91 0.28
CA HIS B 58 17.18 -4.76 -0.16
C HIS B 58 18.05 -4.69 1.08
N VAL B 59 19.28 -5.22 0.95
CA VAL B 59 20.21 -5.22 2.07
C VAL B 59 21.52 -4.53 1.65
N TYR B 60 22.15 -3.88 2.63
CA TYR B 60 23.43 -3.23 2.42
C TYR B 60 24.47 -4.18 2.95
N THR B 61 25.48 -4.49 2.14
CA THR B 61 26.49 -5.47 2.56
C THR B 61 27.88 -4.88 2.50
N VAL B 62 28.71 -5.32 3.44
CA VAL B 62 30.11 -4.85 3.54
C VAL B 62 30.98 -6.12 3.60
N PHE B 63 31.76 -6.36 2.54
CA PHE B 63 32.51 -7.64 2.42
C PHE B 63 31.62 -8.86 2.72
N ASP B 64 30.43 -8.80 2.12
CA ASP B 64 29.39 -9.85 2.16
C ASP B 64 28.55 -9.91 3.44
N LYS B 65 28.90 -9.11 4.44
CA LYS B 65 28.13 -9.09 5.68
C LYS B 65 26.94 -8.15 5.53
N VAL B 66 25.76 -8.65 5.87
CA VAL B 66 24.54 -7.83 5.84
C VAL B 66 24.51 -6.91 7.07
N VAL B 67 24.50 -5.61 6.82
CA VAL B 67 24.49 -4.62 7.93
C VAL B 67 23.32 -3.63 7.96
N ALA B 68 22.45 -3.70 6.97
CA ALA B 68 21.25 -2.86 6.98
C ALA B 68 20.21 -3.42 6.03
N GLN B 69 18.99 -2.95 6.16
CA GLN B 69 17.90 -3.39 5.24
C GLN B 69 16.92 -2.26 5.02
N ILE B 70 16.24 -2.33 3.88
CA ILE B 70 15.09 -1.43 3.64
C ILE B 70 14.04 -2.31 2.98
N TYR B 72 10.07 -2.33 1.03
CA TYR B 72 8.90 -1.64 0.44
C TYR B 72 7.87 -2.62 -0.08
N THR B 73 6.61 -2.16 -0.06
CA THR B 73 5.49 -2.88 -0.69
C THR B 73 5.02 -2.08 -1.90
N TYR B 74 4.04 -2.61 -2.63
CA TYR B 74 3.52 -1.92 -3.82
C TYR B 74 2.07 -1.54 -3.65
N GLU B 75 1.70 -0.41 -4.22
CA GLU B 75 0.28 -0.13 -4.40
C GLU B 75 0.06 0.15 -5.89
N TRP B 76 -0.68 -0.74 -6.56
CA TRP B 76 -1.01 -0.50 -7.99
C TRP B 76 -1.98 0.67 -8.09
N SER B 77 -1.64 1.64 -8.94
CA SER B 77 -2.52 2.72 -9.28
C SER B 77 -3.14 2.49 -10.65
N ASP B 78 -4.45 2.17 -10.72
CA ASP B 78 -5.12 2.08 -11.99
C ASP B 78 -5.16 3.44 -12.70
N TRP B 79 -5.41 4.49 -11.95
CA TRP B 79 -5.51 5.80 -12.55
C TRP B 79 -4.20 6.22 -13.23
N ARG B 80 -3.05 5.79 -12.68
CA ARG B 80 -1.74 6.21 -13.20
C ARG B 80 -1.02 5.11 -13.99
N ASN B 81 -1.62 3.93 -14.03
CA ASN B 81 -1.02 2.80 -14.74
C ASN B 81 0.42 2.53 -14.24
N GLY B 82 0.57 2.36 -12.91
CA GLY B 82 1.87 1.99 -12.37
C GLY B 82 1.78 1.83 -10.87
N ASN B 83 2.89 1.45 -10.24
CA ASN B 83 2.94 1.21 -8.81
C ASN B 83 3.47 2.42 -8.07
N PHE B 84 2.88 2.69 -6.91
CA PHE B 84 3.61 3.45 -5.91
C PHE B 84 4.42 2.43 -5.13
N LEU B 85 5.66 2.78 -4.78
CA LEU B 85 6.39 2.01 -3.77
C LEU B 85 6.18 2.65 -2.41
N TRP B 86 5.87 1.81 -1.41
CA TRP B 86 5.62 2.27 -0.04
C TRP B 86 6.74 1.75 0.84
N ILE B 87 7.60 2.64 1.29
CA ILE B 87 8.72 2.27 2.14
CA ILE B 87 8.71 2.21 2.12
C ILE B 87 8.19 1.95 3.52
N GLN B 88 8.37 0.72 3.99
CA GLN B 88 7.78 0.30 5.28
C GLN B 88 8.77 0.24 6.41
N SER B 89 10.05 0.03 6.09
CA SER B 89 11.05 -0.09 7.16
C SER B 89 12.45 0.15 6.69
N VAL B 90 13.29 0.63 7.61
CA VAL B 90 14.72 0.75 7.36
CA VAL B 90 14.71 0.74 7.35
C VAL B 90 15.40 0.47 8.67
N TYR B 91 16.48 -0.31 8.64
CA TYR B 91 17.25 -0.54 9.87
C TYR B 91 18.72 -0.68 9.53
N VAL B 92 19.56 -0.07 10.37
CA VAL B 92 21.00 -0.16 10.23
C VAL B 92 21.59 -0.72 11.50
N ASP B 93 22.41 -1.76 11.36
CA ASP B 93 23.14 -2.35 12.48
C ASP B 93 23.86 -1.26 13.28
N LYS B 94 23.76 -1.34 14.60
CA LYS B 94 24.36 -0.30 15.47
C LYS B 94 25.84 -0.03 15.23
N GLU B 95 26.58 -1.08 14.87
CA GLU B 95 28.02 -0.97 14.60
C GLU B 95 28.32 -0.19 13.33
N TYR B 96 27.30 0.03 12.49
CA TYR B 96 27.52 0.66 11.17
C TYR B 96 26.77 1.98 11.00
N ARG B 97 26.33 2.54 12.10
CA ARG B 97 25.60 3.81 12.10
C ARG B 97 26.50 5.03 11.95
N ARG B 98 25.89 6.18 11.61
CA ARG B 98 26.61 7.46 11.46
C ARG B 98 27.62 7.44 10.28
N LYS B 99 27.33 6.58 9.29
CA LYS B 99 28.16 6.44 8.10
C LYS B 99 27.38 6.67 6.80
N GLY B 100 26.13 7.12 6.94
CA GLY B 100 25.34 7.52 5.77
C GLY B 100 24.49 6.39 5.17
N ILE B 101 24.45 5.25 5.83
CA ILE B 101 23.77 4.06 5.21
C ILE B 101 22.27 4.28 5.05
N PHE B 102 21.62 4.87 6.04
CA PHE B 102 20.17 5.18 5.93
C PHE B 102 19.93 5.93 4.63
N ASN B 103 20.69 6.99 4.38
CA ASN B 103 20.48 7.78 3.16
C ASN B 103 20.89 7.01 1.91
N TYR B 104 21.99 6.24 1.97
CA TYR B 104 22.33 5.38 0.81
C TYR B 104 21.17 4.51 0.43
N LEU B 105 20.52 3.91 1.42
CA LEU B 105 19.40 3.03 1.12
C LEU B 105 18.22 3.79 0.54
N PHE B 106 17.85 4.95 1.14
CA PHE B 106 16.71 5.69 0.58
C PHE B 106 17.03 6.17 -0.82
N ASN B 107 18.27 6.60 -1.05
CA ASN B 107 18.60 7.14 -2.34
C ASN B 107 18.65 6.03 -3.39
N TYR B 108 19.02 4.82 -2.96
CA TYR B 108 19.01 3.68 -3.88
C TYR B 108 17.57 3.40 -4.34
N ILE B 109 16.61 3.46 -3.41
CA ILE B 109 15.19 3.27 -3.78
C ILE B 109 14.68 4.42 -4.64
N LYS B 110 15.06 5.66 -4.31
CA LYS B 110 14.67 6.80 -5.14
C LYS B 110 15.11 6.58 -6.60
N ASN B 111 16.35 6.11 -6.77
CA ASN B 111 16.85 5.81 -8.11
C ASN B 111 16.06 4.72 -8.77
N ILE B 112 15.76 3.62 -8.06
CA ILE B 112 14.88 2.58 -8.64
C ILE B 112 13.60 3.20 -9.17
N CYS B 113 12.97 4.07 -8.39
CA CYS B 113 11.72 4.74 -8.83
C CYS B 113 11.93 5.63 -10.07
N ASP B 114 13.01 6.42 -10.07
CA ASP B 114 13.25 7.38 -11.16
C ASP B 114 13.52 6.66 -12.49
N LYS B 115 14.16 5.50 -12.41
CA LYS B 115 14.62 4.69 -13.56
C LYS B 115 13.61 3.62 -14.01
N ASP B 116 12.40 3.69 -13.47
CA ASP B 116 11.42 2.73 -13.88
C ASP B 116 10.12 3.47 -14.17
N GLU B 117 9.79 3.70 -15.43
CA GLU B 117 8.55 4.39 -15.77
CA GLU B 117 8.55 4.41 -15.72
C GLU B 117 7.28 3.63 -15.31
N ASN B 118 7.44 2.37 -14.87
CA ASN B 118 6.31 1.57 -14.30
C ASN B 118 6.11 1.84 -12.77
N ILE B 119 6.97 2.69 -12.23
CA ILE B 119 6.80 3.19 -10.85
C ILE B 119 6.40 4.64 -10.93
N VAL B 120 5.27 4.97 -10.31
CA VAL B 120 4.72 6.32 -10.45
C VAL B 120 4.83 7.20 -9.19
N GLY B 121 5.36 6.65 -8.12
CA GLY B 121 5.54 7.46 -6.92
C GLY B 121 6.18 6.65 -5.82
N ARG B 123 6.17 6.54 -1.48
CA ARG B 123 5.49 7.10 -0.30
C ARG B 123 5.84 6.30 0.94
N LEU B 124 5.49 6.88 2.10
CA LEU B 124 5.53 6.16 3.36
C LEU B 124 4.56 6.80 4.34
N TYR B 125 4.20 6.05 5.39
CA TYR B 125 3.44 6.64 6.49
C TYR B 125 4.23 6.46 7.78
N VAL B 126 4.13 7.48 8.64
CA VAL B 126 4.83 7.48 9.92
C VAL B 126 3.94 8.11 11.00
N GLU B 127 4.13 7.63 12.23
CA GLU B 127 3.36 8.15 13.36
C GLU B 127 3.53 9.65 13.48
N LYS B 128 2.43 10.36 13.72
CA LYS B 128 2.55 11.82 13.92
C LYS B 128 3.46 12.20 15.10
N GLU B 129 3.56 11.32 16.11
CA GLU B 129 4.36 11.60 17.32
C GLU B 129 5.85 11.46 17.11
N ASN B 130 6.26 11.10 15.90
CA ASN B 130 7.67 10.89 15.66
C ASN B 130 8.30 12.25 15.40
N ILE B 131 9.02 12.74 16.42
CA ILE B 131 9.49 14.14 16.40
C ILE B 131 10.45 14.40 15.25
N ASN B 132 11.31 13.41 14.99
CA ASN B 132 12.43 13.56 14.08
C ASN B 132 12.12 13.27 12.62
N ALA B 133 10.91 12.76 12.34
CA ALA B 133 10.62 12.27 10.99
C ALA B 133 10.60 13.35 9.92
N LYS B 134 9.92 14.47 10.19
CA LYS B 134 9.87 15.55 9.19
C LYS B 134 11.27 15.97 8.70
N ALA B 135 12.18 16.23 9.64
CA ALA B 135 13.54 16.62 9.28
C ALA B 135 14.32 15.51 8.53
N THR B 136 14.25 14.27 9.02
CA THR B 136 14.87 13.16 8.33
C THR B 136 14.41 13.04 6.88
N TYR B 137 13.10 13.08 6.67
CA TYR B 137 12.61 12.94 5.29
C TYR B 137 12.84 14.17 4.42
N GLU B 138 12.68 15.35 5.01
CA GLU B 138 13.05 16.60 4.37
C GLU B 138 14.44 16.59 3.76
N SER B 139 15.42 16.12 4.53
CA SER B 139 16.79 15.93 4.07
C SER B 139 16.85 15.08 2.80
N LEU B 140 15.90 14.16 2.63
CA LEU B 140 15.89 13.27 1.48
C LEU B 140 14.94 13.74 0.37
N ASN B 141 14.48 15.00 0.47
CA ASN B 141 13.54 15.57 -0.48
C ASN B 141 12.23 14.82 -0.53
N TYR B 143 8.47 14.94 1.33
CA TYR B 143 7.68 15.95 2.01
C TYR B 143 6.32 15.42 2.35
N GLU B 144 5.72 16.06 3.33
CA GLU B 144 4.44 15.61 3.82
C GLU B 144 3.34 15.81 2.79
N CYS B 145 2.51 14.77 2.67
CA CYS B 145 1.37 14.80 1.76
C CYS B 145 0.13 15.35 2.41
N ASP B 146 -0.89 15.59 1.60
CA ASP B 146 -2.11 16.27 2.03
C ASP B 146 -3.23 15.24 2.19
N TYR B 147 -2.91 14.14 2.90
CA TYR B 147 -3.89 13.08 3.11
C TYR B 147 -4.04 12.70 4.57
N ASN B 148 -5.25 12.26 4.91
CA ASN B 148 -5.46 11.54 6.18
C ASN B 148 -5.66 10.06 5.89
N TYR B 150 -7.42 6.46 7.25
CA TYR B 150 -8.50 5.93 8.07
C TYR B 150 -8.35 4.43 8.18
N GLU B 151 -8.85 3.85 9.29
CA GLU B 151 -8.77 2.39 9.41
C GLU B 151 -9.99 1.84 10.14
N TYR B 152 -10.33 0.62 9.73
CA TYR B 152 -11.34 -0.18 10.39
C TYR B 152 -10.60 -1.27 11.16
N GLU B 153 -10.91 -1.42 12.45
CA GLU B 153 -10.23 -2.42 13.26
C GLU B 153 -10.95 -3.73 13.06
N VAL B 154 -10.23 -4.67 12.47
CA VAL B 154 -10.73 -5.98 12.21
CA VAL B 154 -10.77 -5.98 12.23
C VAL B 154 -10.48 -6.76 13.50
N ILE B 155 -11.43 -7.56 13.89
CA ILE B 155 -11.23 -8.50 14.98
C ILE B 155 -11.76 -9.87 14.47
N HIS B 156 -11.04 -10.92 14.80
CA HIS B 156 -11.46 -12.24 14.34
C HIS B 156 -11.99 -13.06 15.55
#